data_9KFF
#
_entry.id   9KFF
#
_cell.length_a   77.115
_cell.length_b   77.115
_cell.length_c   283.551
_cell.angle_alpha   90.000
_cell.angle_beta   90.000
_cell.angle_gamma   120.000
#
_symmetry.space_group_name_H-M   'P 65 2 2'
#
loop_
_entity.id
_entity.type
_entity.pdbx_description
1 polymer 'Mitofusin FZO1'
2 non-polymer "GUANOSINE-5'-DIPHOSPHATE"
3 non-polymer 'BERYLLIUM TRIFLUORIDE ION'
4 non-polymer 'MAGNESIUM ION'
5 non-polymer 'POTASSIUM ION'
6 non-polymer '2-(N-MORPHOLINO)-ETHANESULFONIC ACID'
7 water water
#
_entity_poly.entity_id   1
_entity_poly.type   'polypeptide(L)'
_entity_poly.pdbx_seq_one_letter_code
;GPHMGGSISSQLSQWNYNNNRVLLKRSILKTQAFMDQLQEENNIRPIFIAANDEREKLHVLQLNGSSGSSEKKALSKLFH
SQIVSVTNHLNALKKRVDDVSSKVFITGDVNTGKSALCNSLLKQRLLPEDQLPCTNVFSEILEARENDGIEEVHAIPLNI
APTLKEAIDMYSIQNPKTYEIHTLKELPDLVPQNGKYALLKIYIKDDKRPASTSLLRNGTVDISLIDSPGLNMDSLQTAE
VMSRQEEIDLVIFVVNAENQLTLSAKEFISLASREKKLMFFVVKKFDKIRDKQRCKELILKQIRDLSPETYKRAADFVHF
VSKNGDELPHYHNENDNEDHGDRKPDDDPYSSSDPDPDFDSLEDSLRNFVLKKRSLSKLLPAKTYLSKLLSDIIMISKSN
MKMYSEEGSGSGSGGSTKKELENKKESNLLSIKFFQSLYEGTVAQKLMVEEINLDID
;
_entity_poly.pdbx_strand_id   A
#
# COMPACT_ATOMS: atom_id res chain seq x y z
N SER A 7 25.02 -8.19 14.49
CA SER A 7 24.66 -8.67 15.83
C SER A 7 23.71 -9.88 15.76
N ILE A 8 23.43 -10.48 16.92
CA ILE A 8 22.68 -11.73 16.98
C ILE A 8 21.20 -11.49 16.66
N SER A 9 20.57 -10.55 17.36
CA SER A 9 19.14 -10.34 17.17
C SER A 9 18.83 -9.75 15.80
N SER A 10 19.81 -9.04 15.20
CA SER A 10 19.67 -8.58 13.82
C SER A 10 19.80 -9.74 12.84
N GLN A 11 20.80 -10.58 13.04
CA GLN A 11 20.93 -11.80 12.25
C GLN A 11 19.71 -12.70 12.41
N LEU A 12 19.12 -12.72 13.60
CA LEU A 12 17.96 -13.56 13.83
C LEU A 12 16.76 -13.05 13.06
N SER A 13 16.55 -11.74 13.04
CA SER A 13 15.48 -11.17 12.23
C SER A 13 15.66 -11.49 10.76
N GLN A 14 16.90 -11.39 10.27
CA GLN A 14 17.18 -11.70 8.87
C GLN A 14 16.87 -13.16 8.56
N TRP A 15 17.32 -14.07 9.43
N TRP A 15 17.31 -14.07 9.44
CA TRP A 15 17.06 -15.49 9.21
CA TRP A 15 17.06 -15.49 9.21
C TRP A 15 15.56 -15.79 9.26
C TRP A 15 15.57 -15.80 9.27
N ASN A 16 14.85 -15.19 10.21
CA ASN A 16 13.40 -15.34 10.27
C ASN A 16 12.71 -14.73 9.05
N TYR A 17 13.21 -13.57 8.60
CA TYR A 17 12.63 -12.91 7.44
C TYR A 17 12.75 -13.78 6.20
N ASN A 18 13.93 -14.37 5.99
CA ASN A 18 14.12 -15.21 4.81
C ASN A 18 13.25 -16.44 4.87
N ASN A 19 13.10 -17.04 6.05
CA ASN A 19 12.22 -18.20 6.20
C ASN A 19 10.78 -17.84 5.85
N ASN A 20 10.26 -16.76 6.44
CA ASN A 20 8.89 -16.35 6.14
C ASN A 20 8.71 -16.04 4.66
N ARG A 21 9.70 -15.38 4.05
CA ARG A 21 9.62 -15.05 2.63
C ARG A 21 9.53 -16.32 1.78
N VAL A 22 10.31 -17.34 2.14
CA VAL A 22 10.23 -18.62 1.44
C VAL A 22 8.84 -19.24 1.59
N LEU A 23 8.28 -19.23 2.81
CA LEU A 23 6.99 -19.87 3.03
C LEU A 23 5.87 -19.13 2.30
N LEU A 24 5.92 -17.80 2.29
CA LEU A 24 4.86 -17.04 1.63
C LEU A 24 4.90 -17.23 0.13
N LYS A 25 6.09 -17.13 -0.47
CA LYS A 25 6.24 -17.39 -1.90
C LYS A 25 5.62 -18.73 -2.28
N ARG A 26 5.83 -19.75 -1.46
CA ARG A 26 5.27 -21.07 -1.73
C ARG A 26 3.74 -21.03 -1.70
N SER A 27 3.16 -20.33 -0.70
CA SER A 27 1.70 -20.22 -0.61
C SER A 27 1.10 -19.37 -1.74
N ILE A 28 1.77 -18.31 -2.14
CA ILE A 28 1.31 -17.51 -3.28
C ILE A 28 1.17 -18.38 -4.53
N LEU A 29 2.21 -19.16 -4.85
CA LEU A 29 2.14 -20.04 -6.02
C LEU A 29 1.01 -21.05 -5.91
N LYS A 30 0.87 -21.70 -4.76
CA LYS A 30 -0.24 -22.65 -4.60
C LYS A 30 -1.58 -21.95 -4.73
N THR A 31 -1.71 -20.77 -4.12
CA THR A 31 -3.00 -20.07 -4.19
C THR A 31 -3.31 -19.63 -5.61
N GLN A 32 -2.29 -19.19 -6.37
CA GLN A 32 -2.53 -18.83 -7.76
C GLN A 32 -3.04 -20.01 -8.56
N ALA A 33 -2.53 -21.21 -8.25
CA ALA A 33 -3.00 -22.41 -8.95
C ALA A 33 -4.49 -22.62 -8.71
N PHE A 34 -4.94 -22.45 -7.44
CA PHE A 34 -6.38 -22.53 -7.13
C PHE A 34 -7.16 -21.50 -7.93
N MET A 35 -6.62 -20.28 -8.05
CA MET A 35 -7.27 -19.27 -8.87
C MET A 35 -7.36 -19.70 -10.32
N ASP A 36 -6.27 -20.26 -10.86
CA ASP A 36 -6.26 -20.77 -12.22
C ASP A 36 -7.27 -21.90 -12.37
N GLN A 37 -7.35 -22.78 -11.36
CA GLN A 37 -8.31 -23.88 -11.42
C GLN A 37 -9.74 -23.35 -11.41
N LEU A 38 -10.01 -22.35 -10.59
CA LEU A 38 -11.34 -21.75 -10.51
C LEU A 38 -11.71 -21.04 -11.82
N GLN A 39 -10.74 -20.37 -12.44
CA GLN A 39 -10.98 -19.74 -13.74
C GLN A 39 -11.35 -20.77 -14.81
N GLU A 40 -10.67 -21.92 -14.85
CA GLU A 40 -11.03 -22.91 -15.88
C GLU A 40 -12.40 -23.52 -15.62
N GLU A 41 -12.68 -23.88 -14.37
CA GLU A 41 -13.97 -24.47 -14.04
C GLU A 41 -15.11 -23.51 -14.39
N ASN A 42 -14.97 -22.25 -14.03
CA ASN A 42 -16.00 -21.28 -14.34
C ASN A 42 -16.17 -21.08 -15.83
N ASN A 43 -15.12 -21.32 -16.61
CA ASN A 43 -15.21 -21.17 -18.07
C ASN A 43 -16.09 -22.25 -18.68
N ILE A 44 -16.13 -23.45 -18.10
CA ILE A 44 -16.90 -24.54 -18.66
C ILE A 44 -18.23 -24.75 -17.95
N ARG A 45 -18.32 -24.46 -16.65
CA ARG A 45 -19.55 -24.60 -15.88
C ARG A 45 -19.62 -23.43 -14.91
N PRO A 46 -20.32 -22.35 -15.26
CA PRO A 46 -20.31 -21.15 -14.42
C PRO A 46 -20.62 -21.46 -12.97
N ILE A 47 -19.96 -20.75 -12.06
CA ILE A 47 -19.92 -21.12 -10.65
C ILE A 47 -21.06 -20.45 -9.90
N PHE A 48 -21.76 -21.24 -9.07
CA PHE A 48 -22.82 -20.68 -8.24
C PHE A 48 -22.26 -19.71 -7.21
N ILE A 49 -22.81 -18.50 -7.19
CA ILE A 49 -22.40 -17.43 -6.28
C ILE A 49 -23.56 -17.13 -5.35
N ALA A 50 -23.37 -17.34 -4.06
CA ALA A 50 -24.43 -17.14 -3.08
C ALA A 50 -24.63 -15.66 -2.78
N ALA A 51 -25.85 -15.31 -2.35
CA ALA A 51 -26.18 -13.97 -1.93
C ALA A 51 -25.78 -13.78 -0.46
N ASN A 52 -24.93 -12.79 -0.19
CA ASN A 52 -24.26 -12.65 1.09
C ASN A 52 -24.76 -11.42 1.84
N ASP A 53 -25.16 -11.62 3.09
CA ASP A 53 -25.40 -10.49 3.99
C ASP A 53 -24.05 -9.94 4.48
N GLU A 54 -24.11 -8.84 5.23
CA GLU A 54 -22.90 -8.07 5.50
C GLU A 54 -21.88 -8.86 6.33
N ARG A 55 -22.32 -9.64 7.32
CA ARG A 55 -21.35 -10.43 8.09
C ARG A 55 -20.70 -11.51 7.23
N GLU A 56 -21.42 -12.06 6.26
CA GLU A 56 -20.90 -13.16 5.44
C GLU A 56 -20.44 -12.70 4.05
N LYS A 57 -20.12 -11.42 3.89
CA LYS A 57 -19.67 -10.95 2.60
C LYS A 57 -18.22 -11.41 2.37
N LEU A 58 -17.92 -11.78 1.13
CA LEU A 58 -16.56 -12.20 0.80
C LEU A 58 -15.58 -11.05 1.01
N HIS A 59 -14.32 -11.39 1.27
CA HIS A 59 -13.31 -10.37 1.59
C HIS A 59 -12.62 -9.79 0.37
N VAL A 60 -12.33 -10.61 -0.64
CA VAL A 60 -11.52 -10.19 -1.77
C VAL A 60 -12.26 -10.30 -3.08
N LEU A 61 -13.05 -11.36 -3.25
CA LEU A 61 -13.79 -11.59 -4.48
C LEU A 61 -15.06 -10.74 -4.44
N GLN A 62 -14.98 -9.56 -5.04
CA GLN A 62 -16.07 -8.57 -5.06
C GLN A 62 -17.06 -8.97 -6.14
N LEU A 63 -18.13 -9.65 -5.77
CA LEU A 63 -19.14 -10.02 -6.75
C LEU A 63 -20.42 -9.27 -6.42
N ASN A 64 -20.60 -8.12 -7.08
CA ASN A 64 -21.86 -7.40 -6.98
C ASN A 64 -22.84 -8.13 -7.90
N GLY A 65 -23.56 -9.07 -7.31
CA GLY A 65 -24.39 -10.01 -8.06
C GLY A 65 -24.31 -11.36 -7.40
N SER A 66 -25.34 -12.18 -7.64
CA SER A 66 -25.41 -13.52 -7.11
C SER A 66 -26.21 -14.38 -8.08
N SER A 67 -26.04 -15.70 -7.98
CA SER A 67 -26.69 -16.59 -8.94
C SER A 67 -28.20 -16.55 -8.80
N GLY A 68 -28.71 -16.16 -7.62
CA GLY A 68 -30.15 -16.05 -7.46
C GLY A 68 -30.72 -14.81 -8.12
N SER A 69 -30.04 -13.68 -7.95
CA SER A 69 -30.55 -12.39 -8.43
C SER A 69 -29.90 -11.92 -9.72
N SER A 70 -28.70 -12.38 -10.04
CA SER A 70 -27.94 -11.86 -11.17
C SER A 70 -27.72 -12.93 -12.24
N LYS A 73 -24.50 -15.76 -17.71
CA LYS A 73 -23.31 -15.50 -18.52
C LYS A 73 -22.68 -14.19 -18.03
N ALA A 74 -23.52 -13.22 -17.68
CA ALA A 74 -22.99 -11.93 -17.21
C ALA A 74 -22.39 -12.06 -15.82
N LEU A 75 -22.97 -12.91 -14.98
CA LEU A 75 -22.34 -13.21 -13.70
C LEU A 75 -21.01 -13.91 -13.91
N SER A 76 -20.96 -14.83 -14.88
CA SER A 76 -19.73 -15.55 -15.18
C SER A 76 -18.61 -14.59 -15.61
N LYS A 77 -18.96 -13.59 -16.41
CA LYS A 77 -17.96 -12.64 -16.88
C LYS A 77 -17.45 -11.76 -15.74
N LEU A 78 -18.32 -11.36 -14.82
CA LEU A 78 -17.86 -10.62 -13.64
C LEU A 78 -16.90 -11.47 -12.82
N PHE A 79 -17.17 -12.78 -12.73
CA PHE A 79 -16.29 -13.68 -11.99
C PHE A 79 -14.92 -13.76 -12.65
N HIS A 80 -14.91 -13.88 -13.97
CA HIS A 80 -13.66 -13.99 -14.71
C HIS A 80 -12.79 -12.74 -14.50
N SER A 81 -13.39 -11.56 -14.61
CA SER A 81 -12.61 -10.33 -14.41
C SER A 81 -12.18 -10.16 -12.95
N GLN A 82 -12.99 -10.66 -12.02
CA GLN A 82 -12.57 -10.73 -10.63
C GLN A 82 -11.32 -11.60 -10.45
N ILE A 83 -11.28 -12.79 -11.10
CA ILE A 83 -10.10 -13.64 -10.97
C ILE A 83 -8.88 -12.96 -11.58
N VAL A 84 -9.06 -12.28 -12.71
CA VAL A 84 -7.95 -11.56 -13.34
C VAL A 84 -7.40 -10.49 -12.40
N SER A 85 -8.31 -9.74 -11.77
CA SER A 85 -7.90 -8.70 -10.84
C SER A 85 -7.10 -9.30 -9.68
N VAL A 86 -7.58 -10.41 -9.12
CA VAL A 86 -6.90 -11.06 -8.00
C VAL A 86 -5.54 -11.59 -8.42
N THR A 87 -5.47 -12.19 -9.62
CA THR A 87 -4.21 -12.71 -10.16
C THR A 87 -3.17 -11.60 -10.28
N ASN A 88 -3.57 -10.45 -10.83
CA ASN A 88 -2.69 -9.30 -10.89
C ASN A 88 -2.23 -8.87 -9.50
N HIS A 89 -3.15 -8.90 -8.52
CA HIS A 89 -2.78 -8.54 -7.15
C HIS A 89 -1.77 -9.56 -6.55
N LEU A 90 -2.02 -10.85 -6.76
CA LEU A 90 -1.07 -11.87 -6.29
C LEU A 90 0.30 -11.73 -6.93
N ASN A 91 0.35 -11.41 -8.23
CA ASN A 91 1.63 -11.12 -8.86
C ASN A 91 2.28 -9.89 -8.26
N ALA A 92 1.49 -8.86 -7.95
CA ALA A 92 2.12 -7.68 -7.36
C ALA A 92 2.66 -8.00 -5.96
N LEU A 93 1.90 -8.77 -5.18
CA LEU A 93 2.39 -9.20 -3.89
C LEU A 93 3.66 -10.02 -4.06
N LYS A 94 3.70 -10.92 -5.04
CA LYS A 94 4.88 -11.75 -5.19
C LYS A 94 6.10 -10.91 -5.57
N LYS A 95 5.90 -9.89 -6.42
CA LYS A 95 7.02 -8.99 -6.72
C LYS A 95 7.54 -8.33 -5.44
N ARG A 96 6.63 -7.92 -4.55
CA ARG A 96 7.02 -7.18 -3.35
C ARG A 96 7.74 -8.09 -2.36
N VAL A 97 7.25 -9.32 -2.16
CA VAL A 97 7.89 -10.28 -1.28
C VAL A 97 9.32 -10.56 -1.72
N ASP A 98 9.56 -10.56 -3.03
CA ASP A 98 10.90 -10.78 -3.59
C ASP A 98 11.76 -9.52 -3.65
N ASP A 99 11.19 -8.34 -3.44
CA ASP A 99 11.92 -7.08 -3.56
C ASP A 99 12.54 -6.74 -2.21
N VAL A 100 13.80 -6.32 -2.22
CA VAL A 100 14.51 -6.06 -0.97
C VAL A 100 14.11 -4.71 -0.39
N SER A 101 13.57 -3.82 -1.20
CA SER A 101 13.27 -2.46 -0.79
C SER A 101 11.92 -2.39 -0.07
N SER A 102 11.71 -1.29 0.65
CA SER A 102 10.42 -0.99 1.26
C SER A 102 9.92 0.33 0.68
N LYS A 103 8.77 0.26 0.03
CA LYS A 103 8.14 1.43 -0.55
C LYS A 103 7.04 1.90 0.39
N VAL A 104 7.05 3.18 0.72
CA VAL A 104 6.07 3.77 1.61
C VAL A 104 5.17 4.72 0.83
N PHE A 105 3.85 4.51 0.92
CA PHE A 105 2.87 5.29 0.17
C PHE A 105 2.21 6.29 1.10
N ILE A 106 2.43 7.58 0.87
CA ILE A 106 1.81 8.62 1.68
C ILE A 106 0.63 9.16 0.88
N THR A 107 -0.58 8.97 1.41
CA THR A 107 -1.81 9.26 0.67
C THR A 107 -2.86 9.77 1.64
N GLY A 108 -4.01 10.14 1.09
CA GLY A 108 -5.09 10.81 1.79
C GLY A 108 -5.83 11.76 0.87
N ASP A 109 -6.86 12.40 1.43
CA ASP A 109 -7.60 13.43 0.68
C ASP A 109 -6.66 14.54 0.22
N VAL A 110 -7.08 15.27 -0.83
CA VAL A 110 -6.37 16.49 -1.23
C VAL A 110 -6.25 17.43 -0.03
N ASN A 111 -5.10 18.11 0.09
CA ASN A 111 -4.91 19.16 1.09
C ASN A 111 -4.88 18.63 2.53
N THR A 112 -4.56 17.37 2.75
CA THR A 112 -4.43 16.92 4.13
C THR A 112 -3.02 17.14 4.70
N GLY A 113 -2.04 17.47 3.85
CA GLY A 113 -0.67 17.64 4.31
C GLY A 113 0.25 16.49 3.91
N LYS A 114 -0.06 15.79 2.80
CA LYS A 114 0.75 14.64 2.39
C LYS A 114 2.16 15.08 2.06
N SER A 115 2.30 16.14 1.24
CA SER A 115 3.62 16.56 0.81
C SER A 115 4.40 17.17 1.98
N ALA A 116 3.70 17.88 2.85
CA ALA A 116 4.32 18.40 4.07
C ALA A 116 4.85 17.27 4.95
N LEU A 117 4.10 16.17 5.06
CA LEU A 117 4.62 15.06 5.85
C LEU A 117 5.86 14.44 5.20
N CYS A 118 5.89 14.35 3.86
CA CYS A 118 7.08 13.81 3.19
C CYS A 118 8.29 14.72 3.40
N ASN A 119 8.06 16.03 3.35
CA ASN A 119 9.11 16.98 3.69
C ASN A 119 9.57 16.76 5.13
N SER A 120 8.63 16.51 6.03
CA SER A 120 9.00 16.24 7.41
C SER A 120 9.90 15.01 7.50
N LEU A 121 9.47 13.90 6.89
CA LEU A 121 10.27 12.67 6.91
C LEU A 121 11.64 12.87 6.26
N LEU A 122 11.72 13.71 5.23
CA LEU A 122 13.01 13.92 4.57
C LEU A 122 13.81 15.05 5.20
N LYS A 123 13.20 15.80 6.12
CA LYS A 123 13.85 16.89 6.84
C LYS A 123 14.32 18.00 5.89
N GLN A 124 13.52 18.30 4.86
CA GLN A 124 13.79 19.42 3.97
C GLN A 124 12.53 19.72 3.15
N ARG A 125 12.48 20.96 2.67
CA ARG A 125 11.36 21.48 1.90
C ARG A 125 11.55 21.12 0.43
N LEU A 126 11.30 19.86 0.11
CA LEU A 126 11.61 19.33 -1.21
C LEU A 126 10.39 19.24 -2.11
N LEU A 127 9.30 18.71 -1.59
CA LEU A 127 8.10 18.50 -2.38
C LEU A 127 7.23 19.75 -2.30
N PRO A 128 6.64 20.13 -3.43
CA PRO A 128 5.75 21.30 -3.44
C PRO A 128 4.58 21.11 -2.48
N GLU A 129 4.38 22.14 -1.66
CA GLU A 129 3.42 22.16 -0.56
C GLU A 129 2.67 23.48 -0.71
N ASP A 130 1.33 23.43 -0.66
CA ASP A 130 0.58 24.63 -1.01
C ASP A 130 -0.83 24.52 -0.45
N GLN A 131 -1.40 25.69 -0.16
CA GLN A 131 -2.77 25.74 0.36
C GLN A 131 -3.80 25.15 -0.62
N LEU A 132 -3.60 25.37 -1.93
CA LEU A 132 -4.53 24.89 -2.94
C LEU A 132 -4.08 23.53 -3.45
N PRO A 133 -4.94 22.80 -4.17
CA PRO A 133 -4.54 21.49 -4.70
C PRO A 133 -3.26 21.63 -5.52
N CYS A 134 -2.36 20.67 -5.33
CA CYS A 134 -0.98 20.82 -5.79
C CYS A 134 -0.47 19.55 -6.47
N THR A 135 -0.35 18.45 -5.74
CA THR A 135 0.33 17.27 -6.27
C THR A 135 -0.61 16.50 -7.20
N ASN A 136 -0.37 16.56 -8.50
CA ASN A 136 -1.21 15.81 -9.45
C ASN A 136 -0.53 14.55 -9.99
N VAL A 137 0.78 14.40 -9.75
CA VAL A 137 1.59 13.33 -10.32
C VAL A 137 2.28 12.61 -9.19
N PHE A 138 2.23 11.28 -9.20
CA PHE A 138 2.98 10.47 -8.25
C PHE A 138 4.43 10.94 -8.19
N SER A 139 4.93 11.20 -6.98
CA SER A 139 6.29 11.69 -6.75
C SER A 139 6.99 10.71 -5.82
N GLU A 140 7.92 9.95 -6.40
CA GLU A 140 8.66 8.94 -5.66
C GLU A 140 10.04 9.48 -5.33
N ILE A 141 10.40 9.50 -4.06
CA ILE A 141 11.70 9.99 -3.61
C ILE A 141 12.59 8.80 -3.27
N LEU A 142 13.80 8.79 -3.85
CA LEU A 142 14.74 7.69 -3.69
C LEU A 142 16.12 8.24 -3.40
N GLU A 143 16.98 7.44 -2.75
CA GLU A 143 18.36 7.87 -2.59
C GLU A 143 19.09 7.83 -3.94
N ALA A 144 20.00 8.77 -4.13
CA ALA A 144 20.65 8.97 -5.42
C ALA A 144 21.61 7.86 -5.83
N ARG A 145 21.93 6.91 -4.95
CA ARG A 145 22.83 5.84 -5.39
C ARG A 145 22.22 5.04 -6.51
N GLU A 146 20.90 4.95 -6.55
CA GLU A 146 20.23 4.30 -7.65
C GLU A 146 20.42 5.03 -8.97
N ASN A 147 20.70 6.33 -8.94
CA ASN A 147 20.95 7.15 -10.12
C ASN A 147 22.42 7.58 -10.22
N ASP A 148 23.36 6.68 -9.92
CA ASP A 148 24.81 7.01 -9.93
C ASP A 148 25.17 8.26 -9.13
N GLY A 149 24.52 8.46 -7.98
CA GLY A 149 24.93 9.60 -7.16
C GLY A 149 24.39 10.96 -7.59
N ILE A 150 23.61 11.02 -8.67
CA ILE A 150 23.17 12.28 -9.28
C ILE A 150 21.81 12.69 -8.74
N GLU A 151 21.72 13.92 -8.17
CA GLU A 151 20.46 14.47 -7.69
C GLU A 151 19.71 15.17 -8.81
N GLU A 152 18.60 14.59 -9.23
CA GLU A 152 17.80 15.15 -10.31
C GLU A 152 16.42 14.48 -10.27
N VAL A 153 15.53 14.99 -11.10
CA VAL A 153 14.20 14.44 -11.31
C VAL A 153 14.18 13.75 -12.67
N HIS A 154 13.70 12.51 -12.70
CA HIS A 154 13.37 11.83 -13.96
C HIS A 154 11.84 11.80 -14.08
N ALA A 155 11.32 12.52 -15.08
CA ALA A 155 9.88 12.67 -15.25
C ALA A 155 9.43 11.71 -16.36
N ILE A 156 8.63 10.72 -15.99
CA ILE A 156 8.24 9.65 -16.91
C ILE A 156 7.02 10.11 -17.69
N PRO A 157 7.10 10.19 -19.02
CA PRO A 157 5.98 10.71 -19.81
C PRO A 157 4.86 9.70 -19.95
N LEU A 158 3.62 10.19 -19.88
CA LEU A 158 2.48 9.33 -20.12
C LEU A 158 2.52 8.68 -21.49
N ASN A 159 3.06 9.37 -22.51
CA ASN A 159 2.87 8.93 -23.89
C ASN A 159 3.80 7.79 -24.30
N ILE A 160 4.55 7.19 -23.38
CA ILE A 160 5.44 6.09 -23.74
C ILE A 160 4.76 4.73 -23.66
N ALA A 161 3.55 4.66 -23.12
CA ALA A 161 2.85 3.39 -22.99
C ALA A 161 1.36 3.68 -22.96
N PRO A 162 0.51 2.68 -23.20
CA PRO A 162 -0.95 2.94 -23.22
C PRO A 162 -1.55 3.28 -21.88
N THR A 163 -0.95 2.85 -20.77
CA THR A 163 -1.50 3.12 -19.44
C THR A 163 -0.41 3.63 -18.51
N LEU A 164 -0.86 4.29 -17.44
CA LEU A 164 0.10 4.87 -16.52
C LEU A 164 0.96 3.79 -15.89
N LYS A 165 0.33 2.67 -15.52
CA LYS A 165 1.10 1.58 -14.91
C LYS A 165 2.17 1.07 -15.87
N GLU A 166 1.84 0.94 -17.15
CA GLU A 166 2.82 0.47 -18.13
C GLU A 166 3.93 1.49 -18.36
N ALA A 167 3.62 2.79 -18.34
CA ALA A 167 4.68 3.78 -18.44
C ALA A 167 5.65 3.65 -17.26
N ILE A 168 5.10 3.57 -16.04
CA ILE A 168 5.92 3.37 -14.86
C ILE A 168 6.78 2.13 -14.99
N ASP A 169 6.21 1.04 -15.53
CA ASP A 169 6.93 -0.22 -15.53
C ASP A 169 8.00 -0.31 -16.61
N MET A 170 7.97 0.54 -17.63
CA MET A 170 9.03 0.47 -18.64
C MET A 170 10.16 1.47 -18.41
N TYR A 171 10.06 2.31 -17.38
CA TYR A 171 11.13 3.23 -17.02
C TYR A 171 12.40 2.50 -16.66
N SER A 172 13.51 2.96 -17.24
CA SER A 172 14.84 2.46 -16.90
C SER A 172 15.82 3.62 -17.02
N ILE A 173 16.65 3.81 -15.99
CA ILE A 173 17.71 4.82 -16.09
C ILE A 173 18.54 4.60 -17.34
N GLN A 174 18.69 3.35 -17.75
CA GLN A 174 19.51 3.03 -18.90
C GLN A 174 18.86 3.42 -20.22
N ASN A 175 17.55 3.69 -20.25
CA ASN A 175 16.89 4.04 -21.50
C ASN A 175 16.36 5.47 -21.44
N PRO A 176 17.11 6.45 -21.98
CA PRO A 176 16.67 7.85 -21.90
C PRO A 176 15.34 8.14 -22.59
N LYS A 177 14.84 7.27 -23.48
CA LYS A 177 13.54 7.52 -24.10
C LYS A 177 12.38 7.39 -23.13
N THR A 178 12.62 6.95 -21.89
CA THR A 178 11.56 6.74 -20.93
C THR A 178 11.50 7.82 -19.85
N TYR A 179 12.27 8.91 -19.96
CA TYR A 179 12.16 9.97 -18.95
C TYR A 179 12.79 11.26 -19.47
N GLU A 180 12.27 12.39 -18.96
CA GLU A 180 12.89 13.71 -19.14
C GLU A 180 13.60 14.10 -17.87
N ILE A 181 14.78 14.70 -17.99
CA ILE A 181 15.56 15.08 -16.82
C ILE A 181 15.26 16.54 -16.48
N HIS A 182 15.12 16.83 -15.18
CA HIS A 182 14.83 18.17 -14.68
C HIS A 182 15.56 18.34 -13.35
N THR A 183 15.80 19.60 -13.00
CA THR A 183 16.39 19.88 -11.70
C THR A 183 15.37 19.71 -10.59
N LEU A 184 15.88 19.56 -9.37
CA LEU A 184 14.97 19.46 -8.21
C LEU A 184 14.10 20.69 -8.05
N LYS A 185 14.57 21.87 -8.40
CA LYS A 185 13.63 22.96 -8.13
C LYS A 185 12.66 23.19 -9.26
N GLU A 186 12.76 22.44 -10.36
CA GLU A 186 11.63 22.49 -11.27
C GLU A 186 10.40 21.75 -10.76
N LEU A 187 10.46 21.15 -9.57
CA LEU A 187 9.34 20.33 -9.12
C LEU A 187 8.01 21.08 -9.00
N PRO A 188 7.96 22.34 -8.54
CA PRO A 188 6.65 23.03 -8.50
C PRO A 188 5.99 23.15 -9.85
N ASP A 189 6.77 23.09 -10.95
CA ASP A 189 6.23 23.12 -12.29
C ASP A 189 5.85 21.74 -12.81
N LEU A 190 6.42 20.68 -12.22
CA LEU A 190 6.18 19.33 -12.73
C LEU A 190 4.97 18.67 -12.07
N VAL A 191 4.80 18.80 -10.76
CA VAL A 191 3.79 18.02 -10.05
C VAL A 191 2.36 18.36 -10.48
N PRO A 192 2.06 19.53 -11.04
CA PRO A 192 0.71 19.70 -11.58
C PRO A 192 0.44 18.97 -12.90
N GLN A 193 1.45 18.49 -13.62
CA GLN A 193 1.23 18.07 -15.02
C GLN A 193 0.80 16.61 -15.17
N ASN A 194 -0.36 16.26 -14.59
CA ASN A 194 -0.90 14.91 -14.74
C ASN A 194 -1.43 14.63 -16.14
N GLY A 195 -1.59 15.63 -16.98
CA GLY A 195 -1.82 15.38 -18.39
C GLY A 195 -0.55 15.03 -19.16
N LYS A 196 0.64 15.12 -18.53
CA LYS A 196 1.89 14.85 -19.23
C LYS A 196 2.70 13.71 -18.64
N TYR A 197 2.81 13.62 -17.32
CA TYR A 197 3.75 12.71 -16.69
C TYR A 197 2.99 11.63 -15.93
N ALA A 198 3.52 10.41 -16.00
CA ALA A 198 2.99 9.31 -15.20
C ALA A 198 3.47 9.38 -13.75
N LEU A 199 4.72 9.80 -13.54
CA LEU A 199 5.39 9.64 -12.26
C LEU A 199 6.69 10.44 -12.31
N LEU A 200 7.07 11.04 -11.18
CA LEU A 200 8.38 11.69 -11.05
C LEU A 200 9.26 10.82 -10.14
N LYS A 201 10.43 10.39 -10.66
CA LYS A 201 11.49 9.81 -9.83
C LYS A 201 12.43 10.94 -9.36
N ILE A 202 12.51 11.14 -8.05
CA ILE A 202 13.23 12.25 -7.44
C ILE A 202 14.42 11.65 -6.68
N TYR A 203 15.62 11.82 -7.21
CA TYR A 203 16.84 11.25 -6.63
C TYR A 203 17.56 12.28 -5.78
N ILE A 204 17.77 11.97 -4.51
CA ILE A 204 18.43 12.93 -3.63
C ILE A 204 19.52 12.22 -2.84
N LYS A 205 20.49 13.02 -2.44
CA LYS A 205 21.52 12.63 -1.50
C LYS A 205 21.16 13.17 -0.11
N ASP A 206 21.68 12.51 0.90
CA ASP A 206 21.49 12.91 2.28
C ASP A 206 22.83 12.70 3.02
N ASP A 207 23.92 13.14 2.38
CA ASP A 207 25.25 12.70 2.78
C ASP A 207 25.75 13.36 4.06
N LYS A 208 25.12 14.46 4.51
CA LYS A 208 25.56 15.11 5.73
C LYS A 208 24.99 14.49 6.99
N ARG A 209 24.02 13.60 6.87
CA ARG A 209 23.48 13.02 8.09
C ARG A 209 23.98 11.60 8.30
N PRO A 210 24.15 11.20 9.55
CA PRO A 210 24.47 9.80 9.83
C PRO A 210 23.26 8.90 9.56
N ALA A 211 23.58 7.64 9.29
CA ALA A 211 22.55 6.64 8.97
C ALA A 211 21.44 6.61 10.01
N SER A 212 21.76 6.91 11.27
CA SER A 212 20.78 6.83 12.35
C SER A 212 19.67 7.85 12.19
N THR A 213 19.94 8.95 11.52
CA THR A 213 18.95 10.03 11.39
C THR A 213 18.57 10.27 9.94
N SER A 214 19.04 9.42 9.03
CA SER A 214 18.73 9.55 7.62
C SER A 214 17.78 8.43 7.26
N LEU A 215 16.58 8.80 6.80
CA LEU A 215 15.59 7.81 6.42
C LEU A 215 16.00 7.06 5.16
N LEU A 216 16.46 7.79 4.14
CA LEU A 216 16.81 7.18 2.86
C LEU A 216 18.21 6.55 2.86
N ARG A 217 19.09 6.95 3.77
CA ARG A 217 20.38 6.29 3.81
C ARG A 217 20.57 5.69 5.19
N ASN A 218 19.60 4.89 5.63
CA ASN A 218 19.61 4.31 6.96
C ASN A 218 20.60 3.16 7.09
N GLY A 219 21.12 2.65 5.97
CA GLY A 219 22.20 1.68 6.00
C GLY A 219 21.79 0.22 6.10
N THR A 220 20.51 -0.09 6.28
CA THR A 220 20.13 -1.50 6.29
C THR A 220 19.01 -1.84 5.31
N VAL A 221 18.12 -0.89 5.01
CA VAL A 221 16.98 -1.15 4.12
C VAL A 221 16.88 -0.03 3.09
N ASP A 222 16.70 -0.41 1.82
CA ASP A 222 16.42 0.56 0.76
C ASP A 222 14.97 0.99 0.89
N ILE A 223 14.74 2.28 1.10
CA ILE A 223 13.39 2.84 1.27
C ILE A 223 13.13 3.84 0.15
N SER A 224 11.92 3.84 -0.40
CA SER A 224 11.51 5.00 -1.17
C SER A 224 10.17 5.51 -0.66
N LEU A 225 9.95 6.80 -0.80
CA LEU A 225 8.70 7.42 -0.40
C LEU A 225 7.92 7.80 -1.65
N ILE A 226 6.63 7.46 -1.70
CA ILE A 226 5.77 7.92 -2.79
C ILE A 226 4.75 8.93 -2.23
N ASP A 227 4.84 10.17 -2.71
CA ASP A 227 3.89 11.22 -2.37
C ASP A 227 2.71 11.10 -3.32
N SER A 228 1.51 10.92 -2.78
CA SER A 228 0.41 10.60 -3.67
C SER A 228 -0.31 11.88 -4.12
N PRO A 229 -0.88 11.89 -5.32
CA PRO A 229 -2.01 12.81 -5.58
C PRO A 229 -3.15 12.54 -4.62
N GLY A 230 -3.96 13.58 -4.39
CA GLY A 230 -5.01 13.52 -3.40
C GLY A 230 -6.23 12.72 -3.86
N LEU A 231 -6.91 12.14 -2.87
CA LEU A 231 -8.23 11.56 -3.06
C LEU A 231 -9.27 12.68 -3.16
N ASN A 232 -10.44 12.33 -3.72
CA ASN A 232 -11.59 13.23 -3.82
C ASN A 232 -11.32 14.44 -4.70
N MET A 233 -10.50 14.27 -5.75
CA MET A 233 -10.33 15.32 -6.76
C MET A 233 -10.95 14.96 -8.10
N ASP A 234 -10.63 13.78 -8.63
CA ASP A 234 -11.02 13.33 -9.96
C ASP A 234 -11.17 11.80 -9.96
N SER A 235 -12.06 11.27 -10.79
CA SER A 235 -12.31 9.83 -10.79
C SER A 235 -11.10 9.06 -11.26
N LEU A 236 -10.45 9.53 -12.34
CA LEU A 236 -9.25 8.89 -12.83
C LEU A 236 -8.13 8.95 -11.80
N GLN A 237 -7.91 10.12 -11.20
CA GLN A 237 -6.87 10.25 -10.18
C GLN A 237 -7.12 9.30 -9.02
N THR A 238 -8.36 9.18 -8.56
CA THR A 238 -8.63 8.25 -7.46
C THR A 238 -8.41 6.80 -7.90
N ALA A 239 -8.84 6.44 -9.11
CA ALA A 239 -8.61 5.05 -9.56
C ALA A 239 -7.12 4.71 -9.60
N GLU A 240 -6.27 5.69 -9.94
CA GLU A 240 -4.83 5.45 -10.00
C GLU A 240 -4.23 5.29 -8.62
N VAL A 241 -4.71 6.08 -7.65
CA VAL A 241 -4.25 5.92 -6.28
C VAL A 241 -4.67 4.56 -5.72
N MET A 242 -5.90 4.15 -5.98
CA MET A 242 -6.38 2.83 -5.57
C MET A 242 -5.48 1.71 -6.10
N SER A 243 -5.11 1.77 -7.37
CA SER A 243 -4.35 0.68 -7.91
C SER A 243 -2.85 0.78 -7.62
N ARG A 244 -2.32 1.98 -7.36
CA ARG A 244 -0.90 2.10 -7.03
C ARG A 244 -0.60 1.42 -5.69
N GLN A 245 -1.57 1.48 -4.80
CA GLN A 245 -1.57 0.86 -3.47
C GLN A 245 -1.04 -0.57 -3.48
N GLU A 246 -1.47 -1.40 -4.41
CA GLU A 246 -1.02 -2.79 -4.31
C GLU A 246 0.42 -2.99 -4.78
N GLU A 247 1.07 -1.98 -5.33
CA GLU A 247 2.46 -2.09 -5.70
C GLU A 247 3.38 -1.49 -4.66
N ILE A 248 2.86 -1.15 -3.47
CA ILE A 248 3.62 -0.48 -2.41
C ILE A 248 3.44 -1.28 -1.10
N ASP A 249 4.47 -1.26 -0.25
CA ASP A 249 4.52 -2.14 0.91
C ASP A 249 3.78 -1.55 2.11
N LEU A 250 3.88 -0.26 2.30
CA LEU A 250 3.39 0.35 3.52
C LEU A 250 2.61 1.61 3.18
N VAL A 251 1.47 1.82 3.81
CA VAL A 251 0.67 3.03 3.65
C VAL A 251 0.80 3.89 4.89
N ILE A 252 1.15 5.17 4.69
CA ILE A 252 0.93 6.18 5.70
C ILE A 252 -0.28 6.99 5.26
N PHE A 253 -1.38 6.91 6.01
CA PHE A 253 -2.59 7.60 5.62
C PHE A 253 -2.72 8.91 6.39
N VAL A 254 -2.90 10.00 5.66
CA VAL A 254 -2.87 11.33 6.24
C VAL A 254 -4.31 11.85 6.37
N VAL A 255 -4.64 12.34 7.55
CA VAL A 255 -6.00 12.73 7.94
C VAL A 255 -6.01 14.22 8.21
N ASN A 256 -7.00 14.94 7.68
CA ASN A 256 -7.24 16.32 8.07
C ASN A 256 -8.06 16.34 9.35
N ALA A 257 -7.52 16.92 10.42
CA ALA A 257 -8.17 16.83 11.72
C ALA A 257 -9.60 17.34 11.71
N GLU A 258 -9.88 18.42 10.96
CA GLU A 258 -11.22 19.00 10.90
C GLU A 258 -12.25 18.05 10.28
N ASN A 259 -11.85 17.21 9.32
CA ASN A 259 -12.80 16.33 8.64
C ASN A 259 -12.83 14.90 9.16
N GLN A 260 -11.79 14.46 9.86
CA GLN A 260 -11.56 13.05 10.24
C GLN A 260 -11.52 12.21 8.96
N LEU A 261 -11.93 10.95 9.03
CA LEU A 261 -11.88 10.08 7.86
C LEU A 261 -13.15 10.31 7.06
N THR A 262 -13.02 11.00 5.92
CA THR A 262 -14.11 11.22 4.99
C THR A 262 -14.47 9.93 4.25
N LEU A 263 -15.61 9.96 3.55
CA LEU A 263 -16.03 8.82 2.72
C LEU A 263 -14.97 8.44 1.68
N SER A 264 -14.33 9.44 1.04
CA SER A 264 -13.29 9.13 0.06
C SER A 264 -12.08 8.48 0.74
N ALA A 265 -11.74 8.93 1.95
CA ALA A 265 -10.68 8.28 2.71
C ALA A 265 -11.06 6.85 3.07
N LYS A 266 -12.29 6.64 3.53
CA LYS A 266 -12.69 5.30 3.97
C LYS A 266 -12.73 4.31 2.80
N GLU A 267 -13.15 4.78 1.61
CA GLU A 267 -13.14 3.90 0.45
C GLU A 267 -11.72 3.41 0.12
N PHE A 268 -10.73 4.30 0.22
CA PHE A 268 -9.33 3.86 0.06
C PHE A 268 -8.90 2.91 1.17
N ILE A 269 -9.15 3.28 2.42
CA ILE A 269 -8.69 2.45 3.54
C ILE A 269 -9.34 1.09 3.47
N SER A 270 -10.64 1.05 3.17
CA SER A 270 -11.33 -0.22 3.09
C SER A 270 -10.78 -1.09 1.97
N LEU A 271 -10.40 -0.48 0.83
CA LEU A 271 -9.81 -1.28 -0.25
C LEU A 271 -8.39 -1.75 0.11
N ALA A 272 -7.58 -0.86 0.71
CA ALA A 272 -6.22 -1.25 1.05
C ALA A 272 -6.19 -2.30 2.15
N SER A 273 -7.17 -2.27 3.06
CA SER A 273 -7.24 -3.21 4.18
C SER A 273 -7.46 -4.64 3.74
N ARG A 274 -7.73 -4.91 2.46
CA ARG A 274 -7.78 -6.29 1.99
C ARG A 274 -6.42 -6.96 2.13
N GLU A 275 -5.33 -6.20 2.01
CA GLU A 275 -4.03 -6.77 2.31
C GLU A 275 -3.31 -6.07 3.47
N LYS A 276 -3.60 -4.79 3.74
CA LYS A 276 -2.83 -4.06 4.73
C LYS A 276 -3.60 -4.03 6.05
N LYS A 277 -3.37 -5.08 6.83
CA LYS A 277 -3.90 -5.15 8.19
C LYS A 277 -3.38 -4.00 9.06
N LEU A 278 -2.14 -3.55 8.86
CA LEU A 278 -1.56 -2.45 9.62
C LEU A 278 -1.24 -1.28 8.70
N MET A 279 -1.45 -0.07 9.19
CA MET A 279 -1.02 1.10 8.44
C MET A 279 -0.90 2.28 9.40
N PHE A 280 -0.03 3.21 9.05
CA PHE A 280 0.11 4.41 9.83
C PHE A 280 -1.03 5.37 9.54
N PHE A 281 -1.51 6.05 10.58
CA PHE A 281 -2.46 7.15 10.43
C PHE A 281 -1.82 8.39 11.02
N VAL A 282 -1.58 9.39 10.19
CA VAL A 282 -0.99 10.64 10.66
C VAL A 282 -2.04 11.73 10.52
N VAL A 283 -2.40 12.34 11.64
CA VAL A 283 -3.43 13.37 11.68
C VAL A 283 -2.74 14.73 11.65
N LYS A 284 -2.97 15.49 10.59
CA LYS A 284 -2.42 16.81 10.45
C LYS A 284 -3.51 17.86 10.68
N LYS A 285 -3.05 19.08 10.94
CA LYS A 285 -3.90 20.24 11.24
C LYS A 285 -4.62 20.09 12.57
N PHE A 286 -4.08 19.26 13.45
CA PHE A 286 -4.63 19.17 14.79
C PHE A 286 -4.38 20.44 15.56
N ASP A 287 -3.29 21.15 15.23
CA ASP A 287 -2.98 22.43 15.86
C ASP A 287 -4.11 23.44 15.68
N LYS A 288 -4.96 23.27 14.65
CA LYS A 288 -6.04 24.21 14.38
C LYS A 288 -7.33 23.89 15.13
N ILE A 289 -7.41 22.74 15.79
CA ILE A 289 -8.67 22.24 16.33
C ILE A 289 -8.96 22.89 17.67
N ARG A 290 -10.20 23.34 17.86
CA ARG A 290 -10.56 23.89 19.16
C ARG A 290 -10.91 22.79 20.16
N ASP A 291 -11.76 21.83 19.78
CA ASP A 291 -12.16 20.76 20.72
C ASP A 291 -11.31 19.52 20.42
N LYS A 292 -10.08 19.58 20.91
CA LYS A 292 -9.07 18.57 20.58
C LYS A 292 -9.49 17.18 21.06
N GLN A 293 -10.10 17.08 22.23
CA GLN A 293 -10.41 15.72 22.69
C GLN A 293 -11.58 15.12 21.94
N ARG A 294 -12.61 15.91 21.65
CA ARG A 294 -13.70 15.37 20.84
C ARG A 294 -13.21 14.98 19.44
N CYS A 295 -12.32 15.79 18.86
CA CYS A 295 -11.78 15.46 17.54
C CYS A 295 -10.98 14.15 17.59
N LYS A 296 -10.10 13.99 18.59
CA LYS A 296 -9.27 12.79 18.68
C LYS A 296 -10.11 11.52 18.86
N GLU A 297 -11.15 11.60 19.68
CA GLU A 297 -12.05 10.47 19.90
C GLU A 297 -12.75 10.05 18.60
N LEU A 298 -13.23 11.02 17.81
CA LEU A 298 -13.85 10.75 16.52
C LEU A 298 -12.92 9.96 15.60
N ILE A 299 -11.69 10.46 15.41
CA ILE A 299 -10.71 9.79 14.54
C ILE A 299 -10.40 8.39 15.05
N LEU A 300 -10.10 8.26 16.35
CA LEU A 300 -9.76 6.92 16.87
C LEU A 300 -10.91 5.95 16.68
N LYS A 301 -12.15 6.42 16.88
CA LYS A 301 -13.28 5.50 16.68
C LYS A 301 -13.38 5.03 15.23
N GLN A 302 -13.09 5.89 14.27
CA GLN A 302 -13.17 5.47 12.87
C GLN A 302 -12.07 4.47 12.54
N ILE A 303 -10.87 4.67 13.07
CA ILE A 303 -9.77 3.74 12.85
C ILE A 303 -10.08 2.38 13.45
N ARG A 304 -10.70 2.36 14.64
CA ARG A 304 -11.09 1.10 15.25
C ARG A 304 -11.96 0.29 14.30
N ASP A 305 -12.88 0.97 13.61
CA ASP A 305 -13.83 0.35 12.69
C ASP A 305 -13.19 -0.08 11.38
N LEU A 306 -12.28 0.74 10.83
CA LEU A 306 -11.71 0.45 9.52
C LEU A 306 -10.46 -0.40 9.56
N SER A 307 -9.75 -0.39 10.70
CA SER A 307 -8.43 -1.00 10.78
C SER A 307 -8.22 -1.45 12.21
N PRO A 308 -8.94 -2.51 12.63
CA PRO A 308 -8.92 -2.88 14.06
C PRO A 308 -7.53 -3.26 14.56
N GLU A 309 -6.69 -3.88 13.74
CA GLU A 309 -5.37 -4.25 14.23
C GLU A 309 -4.46 -3.03 14.39
N THR A 310 -4.60 -2.04 13.52
CA THR A 310 -3.91 -0.77 13.76
C THR A 310 -4.39 -0.12 15.07
N TYR A 311 -5.69 -0.20 15.34
CA TYR A 311 -6.23 0.41 16.54
C TYR A 311 -5.65 -0.21 17.80
N LYS A 312 -5.48 -1.55 17.85
CA LYS A 312 -4.89 -2.20 19.02
C LYS A 312 -3.47 -1.70 19.29
N ARG A 313 -2.75 -1.30 18.24
CA ARG A 313 -1.40 -0.77 18.36
C ARG A 313 -1.36 0.72 18.10
N ALA A 314 -2.42 1.44 18.50
CA ALA A 314 -2.53 2.85 18.11
C ALA A 314 -1.30 3.66 18.53
N ALA A 315 -0.70 3.33 19.68
CA ALA A 315 0.46 4.07 20.18
C ALA A 315 1.64 4.00 19.21
N ASP A 316 1.74 2.94 18.42
CA ASP A 316 2.80 2.84 17.42
C ASP A 316 2.39 3.37 16.05
N PHE A 317 1.11 3.43 15.74
CA PHE A 317 0.72 3.68 14.36
C PHE A 317 -0.11 4.92 14.15
N VAL A 318 -0.69 5.50 15.19
CA VAL A 318 -1.54 6.68 15.05
C VAL A 318 -0.79 7.86 15.65
N HIS A 319 -0.59 8.91 14.86
CA HIS A 319 0.26 10.01 15.28
C HIS A 319 -0.39 11.33 14.89
N PHE A 320 -0.19 12.36 15.73
CA PHE A 320 -0.73 13.69 15.49
C PHE A 320 0.47 14.60 15.25
N VAL A 321 0.60 15.09 14.02
CA VAL A 321 1.84 15.74 13.56
C VAL A 321 1.48 17.03 12.83
N SER A 322 1.74 18.17 13.47
CA SER A 322 1.39 19.45 12.88
C SER A 322 2.52 20.10 12.07
N LYS A 323 3.71 19.50 12.05
CA LYS A 323 4.83 20.12 11.34
C LYS A 323 4.45 20.43 9.89
N ASN A 324 4.78 21.64 9.45
CA ASN A 324 4.45 22.09 8.10
C ASN A 324 5.35 23.27 7.77
N GLY A 325 5.35 23.65 6.50
CA GLY A 325 6.20 24.72 6.03
C GLY A 325 5.51 25.97 5.53
N ASP A 326 4.32 26.32 6.05
CA ASP A 326 3.66 27.56 5.59
C ASP A 326 3.24 28.52 6.71
N ASP A 347 16.90 27.86 8.66
CA ASP A 347 15.67 28.54 8.27
C ASP A 347 14.55 27.55 7.87
N ASP A 348 14.91 26.52 7.10
CA ASP A 348 13.97 25.48 6.68
C ASP A 348 13.32 24.84 7.90
N PRO A 349 12.00 24.98 8.08
CA PRO A 349 11.34 24.46 9.28
C PRO A 349 11.37 22.94 9.40
N TYR A 350 11.84 22.22 8.37
CA TYR A 350 11.87 20.77 8.44
C TYR A 350 13.20 20.20 8.92
N SER A 351 14.26 20.99 8.91
CA SER A 351 15.52 20.59 9.51
C SER A 351 15.82 21.42 10.75
N SER A 352 14.81 22.08 11.30
CA SER A 352 14.99 22.93 12.46
C SER A 352 15.24 22.09 13.70
N SER A 353 16.07 22.63 14.59
CA SER A 353 16.43 21.97 15.83
C SER A 353 15.35 22.07 16.90
N ASP A 354 14.34 22.91 16.68
CA ASP A 354 13.26 23.07 17.65
C ASP A 354 12.68 21.72 18.03
N PRO A 355 12.35 21.51 19.30
CA PRO A 355 11.85 20.20 19.73
C PRO A 355 10.51 19.91 19.10
N ASP A 356 10.33 18.66 18.67
CA ASP A 356 9.05 18.20 18.13
C ASP A 356 8.85 16.74 18.50
N PRO A 357 8.38 16.48 19.73
CA PRO A 357 8.21 15.08 20.15
C PRO A 357 7.12 14.35 19.39
N ASP A 358 6.11 15.04 18.86
CA ASP A 358 5.13 14.36 18.05
C ASP A 358 5.77 13.81 16.78
N PHE A 359 6.54 14.63 16.08
CA PHE A 359 7.18 14.12 14.88
C PHE A 359 8.25 13.10 15.24
N ASP A 360 9.02 13.35 16.31
CA ASP A 360 10.10 12.43 16.65
C ASP A 360 9.54 11.05 16.92
N SER A 361 8.40 10.99 17.59
CA SER A 361 7.76 9.72 17.88
C SER A 361 7.24 9.04 16.62
N LEU A 362 6.78 9.79 15.61
CA LEU A 362 6.39 9.15 14.36
C LEU A 362 7.60 8.58 13.64
N GLU A 363 8.67 9.38 13.55
CA GLU A 363 9.89 8.93 12.89
C GLU A 363 10.44 7.67 13.56
N ASP A 364 10.43 7.62 14.89
CA ASP A 364 10.93 6.44 15.61
C ASP A 364 10.09 5.19 15.33
N SER A 365 8.77 5.30 15.36
CA SER A 365 7.91 4.15 15.10
C SER A 365 8.04 3.69 13.65
N LEU A 366 8.19 4.64 12.74
CA LEU A 366 8.34 4.27 11.34
C LEU A 366 9.65 3.53 11.13
N ARG A 367 10.76 4.06 11.64
CA ARG A 367 12.03 3.38 11.48
C ARG A 367 12.02 2.02 12.15
N ASN A 368 11.47 1.93 13.36
CA ASN A 368 11.36 0.62 14.01
C ASN A 368 10.54 -0.36 13.17
N PHE A 369 9.39 0.08 12.64
CA PHE A 369 8.57 -0.82 11.83
C PHE A 369 9.30 -1.26 10.58
N VAL A 370 9.94 -0.32 9.89
CA VAL A 370 10.53 -0.59 8.58
C VAL A 370 11.87 -1.29 8.71
N LEU A 371 12.71 -0.83 9.64
CA LEU A 371 14.07 -1.35 9.70
C LEU A 371 14.20 -2.58 10.60
N LYS A 372 13.40 -2.67 11.66
CA LYS A 372 13.57 -3.75 12.63
C LYS A 372 12.49 -4.81 12.56
N LYS A 373 11.32 -4.48 12.02
CA LYS A 373 10.21 -5.43 12.02
C LYS A 373 9.86 -5.84 10.59
N ARG A 374 10.86 -6.35 9.85
CA ARG A 374 10.69 -6.54 8.41
C ARG A 374 9.66 -7.60 8.09
N SER A 375 9.57 -8.65 8.92
CA SER A 375 8.55 -9.67 8.66
C SER A 375 7.15 -9.08 8.72
N LEU A 376 6.91 -8.14 9.64
CA LEU A 376 5.61 -7.49 9.73
C LEU A 376 5.47 -6.41 8.66
N SER A 377 6.48 -5.57 8.50
CA SER A 377 6.32 -4.44 7.60
C SER A 377 6.28 -4.87 6.15
N LYS A 378 7.05 -5.91 5.78
CA LYS A 378 7.09 -6.33 4.37
C LYS A 378 6.11 -7.45 4.07
N LEU A 379 5.96 -8.40 4.99
CA LEU A 379 5.36 -9.69 4.70
C LEU A 379 3.94 -9.84 5.23
N LEU A 380 3.51 -9.05 6.22
CA LEU A 380 2.15 -9.18 6.71
C LEU A 380 1.09 -8.91 5.63
N PRO A 381 1.26 -7.97 4.70
CA PRO A 381 0.29 -7.87 3.61
C PRO A 381 0.17 -9.13 2.80
N ALA A 382 1.24 -9.91 2.63
CA ALA A 382 1.06 -11.13 1.84
C ALA A 382 0.24 -12.15 2.61
N LYS A 383 0.54 -12.32 3.91
CA LYS A 383 -0.19 -13.29 4.71
C LYS A 383 -1.66 -12.91 4.82
N THR A 384 -1.93 -11.62 5.05
CA THR A 384 -3.29 -11.13 5.23
C THR A 384 -4.13 -11.37 3.98
N TYR A 385 -3.57 -11.05 2.82
CA TYR A 385 -4.33 -11.18 1.59
C TYR A 385 -4.60 -12.63 1.25
N LEU A 386 -3.60 -13.51 1.39
CA LEU A 386 -3.79 -14.93 1.15
C LEU A 386 -4.85 -15.51 2.07
N SER A 387 -4.80 -15.13 3.35
CA SER A 387 -5.75 -15.63 4.34
C SER A 387 -7.18 -15.28 3.94
N LYS A 388 -7.40 -14.03 3.54
CA LYS A 388 -8.75 -13.60 3.14
C LYS A 388 -9.17 -14.23 1.82
N LEU A 389 -8.25 -14.41 0.88
CA LEU A 389 -8.61 -14.96 -0.42
C LEU A 389 -8.91 -16.44 -0.29
N LEU A 390 -8.10 -17.17 0.49
CA LEU A 390 -8.39 -18.57 0.71
C LEU A 390 -9.74 -18.72 1.41
N SER A 391 -10.04 -17.84 2.37
CA SER A 391 -11.35 -17.88 3.01
C SER A 391 -12.48 -17.78 1.99
N ASP A 392 -12.42 -16.78 1.10
CA ASP A 392 -13.39 -16.63 0.02
C ASP A 392 -13.53 -17.90 -0.81
N ILE A 393 -12.41 -18.48 -1.26
CA ILE A 393 -12.46 -19.71 -2.06
C ILE A 393 -13.08 -20.86 -1.27
N ILE A 394 -12.74 -20.96 0.02
CA ILE A 394 -13.39 -21.95 0.87
C ILE A 394 -14.89 -21.74 0.92
N MET A 395 -15.34 -20.48 1.02
CA MET A 395 -16.78 -20.27 1.08
C MET A 395 -17.44 -20.66 -0.23
N ILE A 396 -16.89 -20.20 -1.35
CA ILE A 396 -17.44 -20.56 -2.66
C ILE A 396 -17.48 -22.07 -2.82
N SER A 397 -16.44 -22.77 -2.37
CA SER A 397 -16.38 -24.22 -2.59
C SER A 397 -17.49 -24.92 -1.83
N LYS A 398 -17.62 -24.62 -0.53
CA LYS A 398 -18.69 -25.15 0.32
C LYS A 398 -20.06 -24.92 -0.30
N SER A 399 -20.26 -23.71 -0.83
CA SER A 399 -21.51 -23.34 -1.49
C SER A 399 -21.77 -24.16 -2.74
N ASN A 400 -20.71 -24.66 -3.40
CA ASN A 400 -20.86 -25.36 -4.65
C ASN A 400 -20.72 -26.87 -4.50
N MET A 401 -21.01 -27.41 -3.32
CA MET A 401 -20.79 -28.83 -3.10
C MET A 401 -22.00 -29.43 -2.40
N LYS A 402 -22.32 -30.67 -2.78
CA LYS A 402 -23.46 -31.43 -2.28
C LYS A 402 -23.41 -31.61 -0.76
N ASN A 428 -24.18 -31.06 -12.31
CA ASN A 428 -23.34 -32.20 -12.67
C ASN A 428 -22.65 -32.78 -11.46
N LEU A 429 -22.15 -34.02 -11.62
CA LEU A 429 -21.34 -34.64 -10.58
C LEU A 429 -19.85 -34.43 -10.83
N LEU A 430 -19.46 -34.23 -12.09
CA LEU A 430 -18.10 -33.81 -12.40
C LEU A 430 -17.71 -32.58 -11.58
N SER A 431 -18.65 -31.64 -11.44
CA SER A 431 -18.39 -30.44 -10.66
C SER A 431 -18.32 -30.73 -9.17
N ILE A 432 -19.00 -31.78 -8.70
CA ILE A 432 -18.99 -32.10 -7.27
C ILE A 432 -17.59 -32.50 -6.83
N LYS A 433 -16.95 -33.35 -7.63
CA LYS A 433 -15.60 -33.82 -7.30
C LYS A 433 -14.61 -32.66 -7.33
N PHE A 434 -14.76 -31.75 -8.30
CA PHE A 434 -13.88 -30.59 -8.37
C PHE A 434 -13.94 -29.75 -7.11
N PHE A 435 -15.15 -29.46 -6.62
CA PHE A 435 -15.23 -28.57 -5.47
C PHE A 435 -14.85 -29.26 -4.16
N GLN A 436 -15.00 -30.58 -4.08
CA GLN A 436 -14.51 -31.29 -2.89
C GLN A 436 -12.99 -31.23 -2.80
N SER A 437 -12.29 -31.52 -3.90
CA SER A 437 -10.84 -31.35 -3.91
C SER A 437 -10.44 -29.91 -3.61
N LEU A 438 -11.15 -28.94 -4.20
CA LEU A 438 -10.76 -27.54 -3.99
C LEU A 438 -10.99 -27.11 -2.55
N TYR A 439 -12.13 -27.51 -1.97
CA TYR A 439 -12.40 -27.23 -0.58
C TYR A 439 -11.28 -27.76 0.32
N GLU A 440 -10.94 -29.03 0.15
CA GLU A 440 -9.96 -29.66 1.03
C GLU A 440 -8.56 -29.07 0.81
N GLY A 441 -8.22 -28.75 -0.45
CA GLY A 441 -6.93 -28.13 -0.71
C GLY A 441 -6.84 -26.71 -0.17
N THR A 442 -7.90 -25.91 -0.35
CA THR A 442 -7.80 -24.52 0.09
C THR A 442 -7.86 -24.42 1.62
N VAL A 443 -8.68 -25.27 2.26
CA VAL A 443 -8.66 -25.37 3.72
C VAL A 443 -7.25 -25.64 4.22
N ALA A 444 -6.58 -26.64 3.63
CA ALA A 444 -5.24 -26.98 4.09
C ALA A 444 -4.28 -25.82 3.87
N GLN A 445 -4.42 -25.11 2.76
CA GLN A 445 -3.52 -24.00 2.47
C GLN A 445 -3.74 -22.86 3.44
N LYS A 446 -4.99 -22.62 3.82
CA LYS A 446 -5.23 -21.56 4.78
C LYS A 446 -4.63 -21.89 6.12
N LEU A 447 -4.67 -23.17 6.51
CA LEU A 447 -4.05 -23.56 7.78
C LEU A 447 -2.53 -23.37 7.70
N MET A 448 -1.94 -23.66 6.54
CA MET A 448 -0.51 -23.43 6.36
C MET A 448 -0.14 -21.96 6.45
N VAL A 449 -0.95 -21.07 5.88
CA VAL A 449 -0.68 -19.64 5.93
C VAL A 449 -0.80 -19.13 7.37
N GLU A 450 -1.82 -19.61 8.10
CA GLU A 450 -1.97 -19.23 9.50
C GLU A 450 -0.82 -19.74 10.37
N GLU A 451 -0.18 -20.82 9.96
CA GLU A 451 1.04 -21.27 10.64
C GLU A 451 2.15 -20.22 10.62
N ILE A 452 2.28 -19.50 9.49
CA ILE A 452 3.41 -18.61 9.30
C ILE A 452 3.37 -17.53 10.36
N ASN A 453 4.42 -17.46 11.18
CA ASN A 453 4.47 -16.55 12.32
C ASN A 453 5.36 -15.35 11.98
N LEU A 454 4.74 -14.21 11.71
CA LEU A 454 5.47 -13.00 11.34
C LEU A 454 5.85 -12.14 12.53
N ASP A 455 5.24 -12.36 13.69
CA ASP A 455 5.48 -11.56 14.88
C ASP A 455 6.62 -12.17 15.72
N ILE A 456 7.80 -12.27 15.11
CA ILE A 456 8.96 -12.86 15.75
C ILE A 456 10.08 -11.87 15.97
N ASP A 457 9.89 -10.59 15.63
CA ASP A 457 10.92 -9.58 15.84
C ASP A 457 10.69 -8.85 17.17
#